data_8F84
#
_entry.id   8F84
#
_cell.length_a   28.698
_cell.length_b   66.374
_cell.length_c   44.146
_cell.angle_alpha   90.00
_cell.angle_beta   91.44
_cell.angle_gamma   90.00
#
_symmetry.space_group_name_H-M   'P 1 21 1'
#
loop_
_entity.id
_entity.type
_entity.pdbx_description
1 polymer 'Dihydrofolate reductase'
2 non-polymer 'NADP NICOTINAMIDE-ADENINE-DINUCLEOTIDE PHOSPHATE'
3 non-polymer '3-[2-(3-{[2,4-diamino-6-(4-hydroxybutyl)pyrimidin-5-yl]oxy}propoxy)phenyl]propanoic acid'
4 water water
#
_entity_poly.entity_id   1
_entity_poly.type   'polypeptide(L)'
_entity_poly.pdbx_seq_one_letter_code
;MAHHHHHHMTSVGLIWAQSTSGVIGRDGGIPWRLPEDLAHFKRLTMGHTVVMGRRTWDSLPAAHRPLPGRRNVVVTRQTG
LVAHGAQVVGSLEQALSPAEPDAATWVIGGAQIYALALPLANRCEVTEVDVDLPPEDEDALAPVLDQTWAGTSGEWLVSR
SGLRYRMHSYRRL
;
_entity_poly.pdbx_strand_id   A
#
# COMPACT_ATOMS: atom_id res chain seq x y z
N SER A 11 -13.34 0.13 9.39
CA SER A 11 -13.00 -0.58 8.16
C SER A 11 -11.50 -0.51 7.90
N VAL A 12 -10.90 -1.69 7.68
CA VAL A 12 -9.47 -1.82 7.41
C VAL A 12 -9.30 -2.24 5.96
N GLY A 13 -8.58 -1.42 5.21
CA GLY A 13 -8.32 -1.70 3.82
C GLY A 13 -6.84 -1.82 3.59
N LEU A 14 -6.48 -2.63 2.60
CA LEU A 14 -5.14 -2.66 2.05
C LEU A 14 -5.13 -1.91 0.74
N ILE A 15 -4.04 -1.22 0.45
CA ILE A 15 -3.88 -0.54 -0.84
C ILE A 15 -2.46 -0.81 -1.29
N TRP A 16 -2.29 -1.26 -2.54
CA TRP A 16 -0.96 -1.52 -3.10
C TRP A 16 -1.01 -1.39 -4.61
N ALA A 17 0.17 -1.23 -5.18
CA ALA A 17 0.40 -1.30 -6.62
C ALA A 17 1.39 -2.43 -6.91
N GLN A 18 1.06 -3.30 -7.87
CA GLN A 18 1.91 -4.42 -8.21
C GLN A 18 2.08 -4.52 -9.71
N SER A 19 3.22 -5.04 -10.13
CA SER A 19 3.31 -5.49 -11.51
C SER A 19 2.37 -6.67 -11.71
N THR A 20 2.04 -6.95 -12.97
CA THR A 20 1.24 -8.15 -13.24
CA THR A 20 1.27 -8.15 -13.28
C THR A 20 1.91 -9.37 -12.64
N SER A 21 3.26 -9.43 -12.66
CA SER A 21 4.00 -10.55 -12.10
C SER A 21 3.95 -10.60 -10.58
N GLY A 22 3.45 -9.58 -9.90
CA GLY A 22 3.30 -9.60 -8.46
C GLY A 22 4.36 -8.86 -7.66
N VAL A 23 5.26 -8.16 -8.31
CA VAL A 23 6.29 -7.40 -7.60
C VAL A 23 5.69 -6.09 -7.09
N ILE A 24 5.99 -5.76 -5.84
CA ILE A 24 5.66 -4.45 -5.27
C ILE A 24 6.90 -3.62 -4.94
N GLY A 25 8.05 -4.22 -4.72
CA GLY A 25 9.19 -3.46 -4.22
C GLY A 25 10.50 -4.11 -4.62
N ARG A 26 11.51 -3.26 -4.79
CA ARG A 26 12.85 -3.70 -5.15
C ARG A 26 13.83 -2.61 -4.76
N ASP A 27 14.96 -2.99 -4.18
CA ASP A 27 16.05 -2.05 -3.89
C ASP A 27 15.58 -0.87 -3.04
N GLY A 28 14.70 -1.14 -2.09
CA GLY A 28 14.22 -0.10 -1.19
C GLY A 28 13.26 0.89 -1.82
N GLY A 29 12.72 0.59 -2.99
CA GLY A 29 11.75 1.45 -3.63
C GLY A 29 10.80 0.65 -4.48
N ILE A 30 10.19 1.31 -5.45
CA ILE A 30 9.20 0.74 -6.33
C ILE A 30 9.76 0.79 -7.74
N PRO A 31 9.87 -0.35 -8.45
CA PRO A 31 10.67 -0.39 -9.69
C PRO A 31 9.92 0.01 -10.95
N TRP A 32 9.10 1.04 -10.87
CA TRP A 32 8.47 1.67 -12.02
C TRP A 32 8.04 3.06 -11.57
N ARG A 33 7.67 3.88 -12.56
CA ARG A 33 7.16 5.22 -12.32
CA ARG A 33 7.16 5.22 -12.32
C ARG A 33 5.75 5.29 -12.88
N LEU A 34 4.77 5.54 -12.00
CA LEU A 34 3.37 5.57 -12.40
C LEU A 34 2.67 6.72 -11.68
N PRO A 35 2.72 7.92 -12.25
CA PRO A 35 2.14 9.08 -11.56
C PRO A 35 0.66 8.95 -11.27
N GLU A 36 -0.09 8.27 -12.13
CA GLU A 36 -1.52 8.10 -11.90
C GLU A 36 -1.76 7.25 -10.67
N ASP A 37 -0.85 6.35 -10.35
CA ASP A 37 -1.02 5.56 -9.14
C ASP A 37 -0.68 6.37 -7.89
N LEU A 38 0.36 7.18 -7.93
CA LEU A 38 0.64 8.06 -6.81
CA LEU A 38 0.65 8.07 -6.81
C LEU A 38 -0.56 8.95 -6.52
N ALA A 39 -1.20 9.48 -7.57
CA ALA A 39 -2.37 10.33 -7.38
C ALA A 39 -3.53 9.54 -6.78
N HIS A 40 -3.77 8.34 -7.29
CA HIS A 40 -4.81 7.47 -6.75
C HIS A 40 -4.58 7.19 -5.28
N PHE A 41 -3.35 6.85 -4.91
CA PHE A 41 -3.00 6.59 -3.52
C PHE A 41 -3.26 7.80 -2.65
N LYS A 42 -2.79 8.97 -3.07
CA LYS A 42 -3.03 10.18 -2.31
C LYS A 42 -4.51 10.48 -2.16
N ARG A 43 -5.30 10.31 -3.24
CA ARG A 43 -6.73 10.59 -3.17
CA ARG A 43 -6.73 10.59 -3.17
C ARG A 43 -7.44 9.67 -2.19
N LEU A 44 -7.10 8.39 -2.21
CA LEU A 44 -7.79 7.43 -1.36
C LEU A 44 -7.41 7.58 0.10
N THR A 45 -6.17 7.99 0.37
CA THR A 45 -5.69 7.97 1.75
C THR A 45 -5.76 9.31 2.46
N MET A 46 -5.87 10.42 1.73
CA MET A 46 -5.78 11.73 2.37
C MET A 46 -6.83 11.86 3.46
N GLY A 47 -6.42 12.40 4.62
CA GLY A 47 -7.31 12.58 5.74
C GLY A 47 -7.49 11.37 6.63
N HIS A 48 -6.85 10.25 6.31
CA HIS A 48 -7.06 9.00 7.01
C HIS A 48 -5.76 8.50 7.63
N THR A 49 -5.89 7.38 8.33
CA THR A 49 -4.75 6.72 8.94
C THR A 49 -4.10 5.79 7.92
N VAL A 50 -2.77 5.84 7.87
CA VAL A 50 -1.97 4.96 7.03
C VAL A 50 -1.02 4.18 7.93
N VAL A 51 -1.12 2.87 7.86
CA VAL A 51 -0.32 1.93 8.66
C VAL A 51 0.69 1.28 7.74
N MET A 52 1.96 1.28 8.17
CA MET A 52 3.01 0.73 7.32
C MET A 52 4.07 0.03 8.16
N GLY A 53 4.75 -0.92 7.55
CA GLY A 53 5.93 -1.49 8.16
C GLY A 53 7.11 -0.53 8.15
N ARG A 54 8.07 -0.81 9.03
CA ARG A 54 9.20 0.09 9.18
C ARG A 54 10.01 0.22 7.89
N ARG A 55 10.15 -0.86 7.12
CA ARG A 55 10.92 -0.72 5.88
C ARG A 55 10.21 0.19 4.88
N THR A 56 8.87 0.17 4.84
CA THR A 56 8.15 1.11 3.99
C THR A 56 8.33 2.55 4.49
N TRP A 57 8.27 2.76 5.81
CA TRP A 57 8.59 4.08 6.35
C TRP A 57 9.95 4.57 5.87
N ASP A 58 10.96 3.70 5.90
CA ASP A 58 12.29 4.08 5.48
C ASP A 58 12.39 4.32 3.98
N SER A 59 11.47 3.74 3.20
CA SER A 59 11.45 3.91 1.75
C SER A 59 10.82 5.23 1.30
N LEU A 60 10.17 5.96 2.19
CA LEU A 60 9.42 7.13 1.76
C LEU A 60 10.41 8.23 1.38
N PRO A 61 10.26 8.87 0.23
CA PRO A 61 11.13 10.00 -0.10
C PRO A 61 10.93 11.17 0.86
N ALA A 62 11.94 12.03 0.91
CA ALA A 62 12.04 13.04 1.96
C ALA A 62 10.76 13.88 2.12
N ALA A 63 10.22 14.40 1.00
CA ALA A 63 9.02 15.24 1.07
C ALA A 63 7.75 14.46 1.39
N HIS A 64 7.87 13.16 1.60
CA HIS A 64 6.73 12.30 1.90
C HIS A 64 6.94 11.45 3.14
N ARG A 65 7.88 11.86 4.02
CA ARG A 65 8.20 11.11 5.23
C ARG A 65 8.14 12.12 6.37
N PRO A 66 6.99 12.29 7.05
CA PRO A 66 5.75 11.52 6.92
C PRO A 66 4.89 11.89 5.72
N LEU A 67 3.94 11.03 5.41
CA LEU A 67 3.00 11.29 4.35
C LEU A 67 2.09 12.44 4.78
N PRO A 68 2.07 13.57 4.07
CA PRO A 68 1.35 14.73 4.58
CA PRO A 68 1.36 14.74 4.58
C PRO A 68 -0.16 14.52 4.61
N GLY A 69 -0.80 15.08 5.63
CA GLY A 69 -2.26 15.07 5.70
C GLY A 69 -2.88 13.76 6.13
N ARG A 70 -2.08 12.84 6.65
CA ARG A 70 -2.52 11.51 7.05
C ARG A 70 -1.86 11.20 8.37
N ARG A 71 -2.53 10.37 9.17
CA ARG A 71 -1.98 9.90 10.43
C ARG A 71 -1.09 8.71 10.13
N ASN A 72 0.23 8.89 10.24
CA ASN A 72 1.19 7.86 9.87
C ASN A 72 1.48 6.98 11.08
N VAL A 73 1.33 5.67 10.93
CA VAL A 73 1.57 4.69 11.97
C VAL A 73 2.59 3.69 11.44
N VAL A 74 3.67 3.50 12.18
CA VAL A 74 4.79 2.67 11.75
C VAL A 74 4.91 1.48 12.70
N VAL A 75 4.93 0.28 12.13
CA VAL A 75 5.00 -0.98 12.85
C VAL A 75 6.44 -1.47 12.84
N THR A 76 7.01 -1.67 14.03
CA THR A 76 8.39 -2.07 14.22
C THR A 76 8.49 -2.89 15.49
N ARG A 77 9.51 -3.75 15.56
CA ARG A 77 9.87 -4.38 16.82
C ARG A 77 10.90 -3.57 17.60
N GLN A 78 11.41 -2.48 17.03
CA GLN A 78 12.41 -1.66 17.71
C GLN A 78 11.70 -0.62 18.56
N THR A 79 11.52 -0.94 19.85
CA THR A 79 10.67 -0.10 20.70
C THR A 79 11.17 1.34 20.74
N GLY A 80 12.49 1.55 20.73
CA GLY A 80 13.05 2.88 20.83
C GLY A 80 13.16 3.67 19.54
N LEU A 81 12.51 3.22 18.46
CA LEU A 81 12.75 3.83 17.16
C LEU A 81 12.28 5.28 17.13
N VAL A 82 13.10 6.16 16.57
CA VAL A 82 12.72 7.55 16.33
C VAL A 82 12.14 7.65 14.94
N ALA A 83 10.88 8.12 14.84
CA ALA A 83 10.18 8.28 13.55
C ALA A 83 9.40 9.59 13.60
N HIS A 84 10.10 10.68 13.33
CA HIS A 84 9.49 11.98 13.43
C HIS A 84 8.33 12.12 12.46
N GLY A 85 7.18 12.55 12.97
CA GLY A 85 6.01 12.71 12.15
C GLY A 85 5.11 11.50 12.09
N ALA A 86 5.48 10.41 12.76
CA ALA A 86 4.69 9.19 12.78
C ALA A 86 4.53 8.72 14.22
N GLN A 87 3.54 7.86 14.41
CA GLN A 87 3.30 7.14 15.64
C GLN A 87 3.92 5.74 15.51
N VAL A 88 4.80 5.38 16.44
CA VAL A 88 5.44 4.07 16.39
CA VAL A 88 5.46 4.08 16.42
C VAL A 88 4.67 3.12 17.30
N VAL A 89 4.37 1.93 16.76
CA VAL A 89 3.70 0.88 17.49
C VAL A 89 4.46 -0.42 17.28
N GLY A 90 4.18 -1.39 18.16
CA GLY A 90 4.97 -2.60 18.21
C GLY A 90 4.35 -3.83 17.58
N SER A 91 3.18 -3.71 16.98
CA SER A 91 2.54 -4.81 16.28
C SER A 91 1.46 -4.23 15.38
N LEU A 92 1.03 -5.05 14.40
CA LEU A 92 -0.09 -4.64 13.58
C LEU A 92 -1.37 -4.50 14.42
N GLU A 93 -1.58 -5.41 15.36
CA GLU A 93 -2.77 -5.31 16.21
C GLU A 93 -2.81 -3.98 16.95
N GLN A 94 -1.66 -3.52 17.45
CA GLN A 94 -1.63 -2.20 18.07
C GLN A 94 -2.00 -1.11 17.08
N ALA A 95 -1.46 -1.18 15.86
CA ALA A 95 -1.76 -0.18 14.86
C ALA A 95 -3.25 -0.11 14.57
N LEU A 96 -3.95 -1.24 14.64
CA LEU A 96 -5.38 -1.32 14.33
C LEU A 96 -6.25 -1.13 15.57
N SER A 97 -5.64 -0.76 16.70
CA SER A 97 -6.35 -0.53 17.97
C SER A 97 -6.00 0.88 18.47
N PRO A 98 -6.30 1.89 17.68
CA PRO A 98 -5.94 3.26 18.04
C PRO A 98 -6.69 3.74 19.27
N ALA A 99 -6.02 4.62 20.03
CA ALA A 99 -6.72 5.32 21.09
C ALA A 99 -7.77 6.29 20.53
N GLU A 100 -7.51 6.87 19.35
CA GLU A 100 -8.47 7.72 18.66
C GLU A 100 -8.93 7.01 17.40
N PRO A 101 -10.13 6.42 17.37
CA PRO A 101 -10.59 5.73 16.16
C PRO A 101 -10.58 6.59 14.90
N ASP A 102 -10.42 5.91 13.76
CA ASP A 102 -10.54 6.50 12.44
C ASP A 102 -11.54 5.66 11.66
N ALA A 103 -12.47 6.32 10.94
CA ALA A 103 -13.44 5.59 10.14
C ALA A 103 -12.78 4.80 9.03
N ALA A 104 -11.61 5.23 8.58
CA ALA A 104 -10.91 4.59 7.48
C ALA A 104 -9.44 4.43 7.86
N THR A 105 -9.01 3.18 7.92
CA THR A 105 -7.61 2.87 8.14
C THR A 105 -7.12 2.09 6.94
N TRP A 106 -6.01 2.54 6.38
CA TRP A 106 -5.38 1.92 5.24
C TRP A 106 -4.05 1.34 5.62
N VAL A 107 -3.85 0.07 5.30
CA VAL A 107 -2.54 -0.57 5.40
C VAL A 107 -1.86 -0.38 4.04
N ILE A 108 -0.71 0.30 4.06
CA ILE A 108 -0.08 0.81 2.85
C ILE A 108 1.23 0.09 2.53
N GLY A 109 1.52 -1.00 3.22
CA GLY A 109 2.61 -1.89 2.89
C GLY A 109 3.60 -2.00 4.03
N GLY A 110 4.65 -2.78 3.81
CA GLY A 110 5.01 -3.52 2.63
C GLY A 110 4.55 -4.95 2.66
N ALA A 111 5.31 -5.82 2.01
CA ALA A 111 4.91 -7.22 1.88
C ALA A 111 4.73 -7.89 3.22
N GLN A 112 5.62 -7.63 4.17
CA GLN A 112 5.51 -8.30 5.47
C GLN A 112 4.21 -7.90 6.14
N ILE A 113 3.90 -6.61 6.15
CA ILE A 113 2.72 -6.13 6.84
C ILE A 113 1.45 -6.49 6.09
N TYR A 114 1.46 -6.50 4.75
CA TYR A 114 0.27 -6.93 4.03
C TYR A 114 -0.13 -8.35 4.43
N ALA A 115 0.85 -9.24 4.60
CA ALA A 115 0.53 -10.61 4.91
C ALA A 115 -0.17 -10.72 6.25
N LEU A 116 0.25 -9.90 7.23
CA LEU A 116 -0.38 -9.91 8.54
C LEU A 116 -1.73 -9.24 8.51
N ALA A 117 -1.91 -8.24 7.65
CA ALA A 117 -3.14 -7.45 7.66
C ALA A 117 -4.26 -8.10 6.86
N LEU A 118 -3.92 -8.90 5.86
CA LEU A 118 -4.95 -9.42 4.95
C LEU A 118 -6.07 -10.14 5.70
N PRO A 119 -5.80 -11.02 6.66
CA PRO A 119 -6.90 -11.67 7.41
C PRO A 119 -7.77 -10.71 8.20
N LEU A 120 -7.31 -9.50 8.47
CA LEU A 120 -8.03 -8.54 9.29
C LEU A 120 -8.77 -7.50 8.45
N ALA A 121 -8.62 -7.54 7.14
CA ALA A 121 -9.09 -6.50 6.27
C ALA A 121 -10.40 -6.88 5.59
N ASN A 122 -11.15 -5.86 5.17
CA ASN A 122 -12.39 -6.07 4.43
C ASN A 122 -12.36 -5.49 3.02
N ARG A 123 -11.31 -4.78 2.65
CA ARG A 123 -11.21 -4.15 1.33
C ARG A 123 -9.76 -4.16 0.89
N CYS A 124 -9.55 -4.34 -0.42
CA CYS A 124 -8.25 -4.14 -1.03
C CYS A 124 -8.42 -3.28 -2.27
N GLU A 125 -7.58 -2.27 -2.41
CA GLU A 125 -7.54 -1.40 -3.57
C GLU A 125 -6.20 -1.63 -4.25
N VAL A 126 -6.23 -2.23 -5.44
CA VAL A 126 -5.05 -2.72 -6.10
C VAL A 126 -4.85 -1.99 -7.42
N THR A 127 -3.65 -1.49 -7.65
CA THR A 127 -3.26 -1.03 -8.97
C THR A 127 -2.41 -2.11 -9.61
N GLU A 128 -2.79 -2.54 -10.80
CA GLU A 128 -2.02 -3.50 -11.57
C GLU A 128 -1.26 -2.76 -12.66
N VAL A 129 0.04 -3.02 -12.74
CA VAL A 129 0.94 -2.32 -13.65
C VAL A 129 1.50 -3.35 -14.65
N ASP A 130 1.22 -3.12 -15.93
CA ASP A 130 1.70 -3.97 -17.01
C ASP A 130 3.13 -3.55 -17.33
N VAL A 131 4.05 -4.03 -16.51
CA VAL A 131 5.46 -3.74 -16.69
C VAL A 131 6.18 -5.07 -16.55
N ASP A 132 7.07 -5.35 -17.48
CA ASP A 132 7.75 -6.64 -17.48
C ASP A 132 8.86 -6.58 -16.44
N LEU A 133 8.66 -7.32 -15.35
CA LEU A 133 9.61 -7.36 -14.25
C LEU A 133 9.66 -8.79 -13.76
N PRO A 134 10.48 -9.61 -14.40
CA PRO A 134 10.80 -10.90 -13.84
C PRO A 134 11.27 -10.72 -12.41
N PRO A 135 10.64 -11.38 -11.44
CA PRO A 135 11.04 -11.19 -10.03
C PRO A 135 12.50 -11.53 -9.80
N GLU A 136 13.14 -10.75 -8.93
CA GLU A 136 14.51 -10.94 -8.49
C GLU A 136 14.50 -11.34 -7.01
N ASP A 137 15.63 -11.88 -6.53
CA ASP A 137 15.58 -12.67 -5.30
C ASP A 137 15.15 -11.87 -4.08
N GLU A 138 15.47 -10.58 -4.01
CA GLU A 138 15.13 -9.77 -2.84
C GLU A 138 13.86 -8.96 -3.05
N ASP A 139 13.09 -9.23 -4.09
CA ASP A 139 11.90 -8.42 -4.33
C ASP A 139 10.87 -8.64 -3.24
N ALA A 140 10.13 -7.58 -2.94
CA ALA A 140 8.92 -7.65 -2.15
C ALA A 140 7.76 -7.93 -3.07
N LEU A 141 6.90 -8.87 -2.69
CA LEU A 141 5.81 -9.37 -3.54
C LEU A 141 4.46 -9.06 -2.93
N ALA A 142 3.47 -8.94 -3.80
CA ALA A 142 2.11 -8.63 -3.39
C ALA A 142 1.46 -9.82 -2.69
N PRO A 143 0.51 -9.55 -1.82
CA PRO A 143 -0.33 -10.63 -1.28
C PRO A 143 -1.20 -11.19 -2.39
N VAL A 144 -1.69 -12.40 -2.15
CA VAL A 144 -2.55 -13.10 -3.09
C VAL A 144 -3.94 -13.16 -2.47
N LEU A 145 -4.93 -12.83 -3.27
CA LEU A 145 -6.31 -12.81 -2.82
C LEU A 145 -6.99 -14.13 -3.20
N ASP A 146 -7.49 -14.84 -2.21
CA ASP A 146 -8.10 -16.14 -2.41
C ASP A 146 -9.62 -15.99 -2.58
N GLN A 147 -10.33 -17.12 -2.48
CA GLN A 147 -11.75 -17.18 -2.75
C GLN A 147 -12.59 -16.44 -1.73
N THR A 148 -12.01 -15.98 -0.62
CA THR A 148 -12.78 -15.18 0.33
C THR A 148 -12.91 -13.72 -0.10
N TRP A 149 -12.29 -13.35 -1.22
CA TRP A 149 -12.34 -12.01 -1.77
C TRP A 149 -12.99 -12.04 -3.14
N ALA A 150 -13.71 -10.98 -3.48
CA ALA A 150 -14.22 -10.80 -4.83
C ALA A 150 -14.03 -9.34 -5.22
N GLY A 151 -13.89 -9.11 -6.51
CA GLY A 151 -13.54 -7.77 -6.94
C GLY A 151 -14.14 -7.37 -8.27
N THR A 152 -13.88 -6.10 -8.56
CA THR A 152 -14.27 -5.45 -9.78
CA THR A 152 -14.28 -5.41 -9.77
C THR A 152 -13.05 -4.72 -10.33
N SER A 153 -12.97 -4.63 -11.67
CA SER A 153 -11.80 -4.10 -12.34
C SER A 153 -12.17 -2.90 -13.19
N GLY A 154 -11.40 -1.84 -13.08
CA GLY A 154 -11.51 -0.74 -14.02
C GLY A 154 -10.94 -1.14 -15.36
N GLU A 155 -11.11 -0.26 -16.32
CA GLU A 155 -10.56 -0.51 -17.64
C GLU A 155 -9.04 -0.38 -17.62
N TRP A 156 -8.39 -1.10 -18.54
CA TRP A 156 -6.98 -0.87 -18.78
C TRP A 156 -6.81 0.54 -19.33
N LEU A 157 -5.92 1.31 -18.69
CA LEU A 157 -5.62 2.68 -19.05
C LEU A 157 -4.14 2.77 -19.40
N VAL A 158 -3.77 3.81 -20.11
CA VAL A 158 -2.37 4.07 -20.43
C VAL A 158 -1.94 5.34 -19.70
N SER A 159 -0.87 5.24 -18.94
CA SER A 159 -0.35 6.40 -18.23
CA SER A 159 -0.32 6.38 -18.24
C SER A 159 0.25 7.40 -19.20
N ARG A 160 0.22 8.68 -18.81
CA ARG A 160 0.88 9.71 -19.58
C ARG A 160 2.37 9.43 -19.72
N SER A 161 2.93 8.63 -18.80
CA SER A 161 4.32 8.21 -18.85
CA SER A 161 4.33 8.23 -18.85
C SER A 161 4.54 6.87 -19.56
N GLY A 162 3.49 6.21 -20.03
CA GLY A 162 3.61 5.11 -20.97
C GLY A 162 3.12 3.73 -20.53
N LEU A 163 3.07 3.44 -19.23
CA LEU A 163 2.71 2.10 -18.78
C LEU A 163 1.21 1.90 -18.85
N ARG A 164 0.80 0.70 -19.25
CA ARG A 164 -0.58 0.27 -19.06
C ARG A 164 -0.81 -0.10 -17.61
N TYR A 165 -1.97 0.28 -17.09
CA TYR A 165 -2.30 0.01 -15.70
C TYR A 165 -3.81 -0.06 -15.57
N ARG A 166 -4.26 -0.65 -14.46
CA ARG A 166 -5.69 -0.62 -14.16
CA ARG A 166 -5.69 -0.68 -14.17
C ARG A 166 -5.87 -0.81 -12.66
N MET A 167 -7.00 -0.32 -12.18
CA MET A 167 -7.33 -0.40 -10.78
C MET A 167 -8.38 -1.47 -10.55
N HIS A 168 -8.22 -2.20 -9.45
CA HIS A 168 -9.13 -3.24 -9.02
C HIS A 168 -9.58 -2.91 -7.60
N SER A 169 -10.84 -3.20 -7.30
CA SER A 169 -11.39 -2.99 -5.97
CA SER A 169 -11.39 -2.99 -5.97
C SER A 169 -11.98 -4.30 -5.50
N TYR A 170 -11.43 -4.83 -4.42
CA TYR A 170 -11.88 -6.08 -3.84
C TYR A 170 -12.50 -5.85 -2.47
N ARG A 171 -13.50 -6.65 -2.16
CA ARG A 171 -14.13 -6.66 -0.86
C ARG A 171 -14.28 -8.08 -0.39
N ARG A 172 -14.19 -8.27 0.93
CA ARG A 172 -14.37 -9.59 1.51
CA ARG A 172 -14.36 -9.59 1.48
C ARG A 172 -15.80 -10.06 1.31
N LEU A 173 -15.96 -11.29 0.85
CA LEU A 173 -17.27 -11.88 0.68
C LEU A 173 -17.93 -12.19 2.01
#